data_4R8O
#
_entry.id   4R8O
#
_cell.length_a   98.080
_cell.length_b   98.080
_cell.length_c   89.240
_cell.angle_alpha   90.000
_cell.angle_beta   90.000
_cell.angle_gamma   120.000
#
_symmetry.space_group_name_H-M   'P 31 2 1'
#
loop_
_entity.id
_entity.type
_entity.pdbx_description
1 polymer 'Uncharacterized protein'
2 water water
#
_entity_poly.entity_id   1
_entity_poly.type   'polypeptide(L)'
_entity_poly.pdbx_seq_one_letter_code
;GGNPGDNLIYNAEEVNGVVVSETIFK(MSE)EGT(MSE)LTNY(MSE)KHNYKYDANNQRTEDEAQKWNSNKNRWENNLC
IRYTYGNKS(MSE)TTEYYKWNSKKKEYILVPE(MSE)TVT(MSE)DK
;
_entity_poly.pdbx_strand_id   A,B
#
# COMPACT_ATOMS: atom_id res chain seq x y z
N ASP A 6 4.19 14.26 10.37
CA ASP A 6 4.08 15.46 11.27
C ASP A 6 5.29 16.37 11.22
N ASN A 7 6.46 15.76 11.06
CA ASN A 7 7.66 16.50 10.77
C ASN A 7 7.70 16.80 9.27
N LEU A 8 6.56 16.70 8.55
CA LEU A 8 6.58 16.79 7.08
C LEU A 8 5.86 17.98 6.45
N ILE A 9 6.41 18.44 5.33
CA ILE A 9 5.92 19.62 4.62
C ILE A 9 5.57 19.30 3.17
N TYR A 10 4.42 19.80 2.74
CA TYR A 10 3.82 19.41 1.49
C TYR A 10 3.74 20.56 0.50
N ASN A 11 4.07 20.28 -0.77
CA ASN A 11 3.75 21.18 -1.86
C ASN A 11 3.19 20.42 -3.07
N ALA A 12 2.02 20.88 -3.53
CA ALA A 12 1.26 20.24 -4.58
C ALA A 12 1.31 21.06 -5.86
N GLU A 13 1.42 20.33 -6.97
CA GLU A 13 1.34 20.91 -8.28
C GLU A 13 -0.02 20.54 -8.84
N GLU A 14 -0.74 21.55 -9.29
CA GLU A 14 -2.10 21.38 -9.80
C GLU A 14 -2.08 21.68 -11.30
N VAL A 15 -2.87 20.93 -12.07
CA VAL A 15 -3.07 21.16 -13.52
C VAL A 15 -4.54 20.85 -13.77
N ASN A 16 -5.28 21.81 -14.33
CA ASN A 16 -6.72 21.67 -14.59
C ASN A 16 -7.56 21.16 -13.41
N GLY A 17 -7.23 21.61 -12.20
CA GLY A 17 -8.02 21.26 -11.02
C GLY A 17 -7.57 20.02 -10.29
N VAL A 18 -6.67 19.24 -10.90
CA VAL A 18 -6.16 18.04 -10.28
C VAL A 18 -4.68 18.13 -10.05
N VAL A 19 -4.30 17.72 -8.83
CA VAL A 19 -2.92 17.51 -8.44
C VAL A 19 -2.19 16.42 -9.21
N VAL A 20 -1.24 16.83 -10.06
CA VAL A 20 -0.46 15.94 -10.94
C VAL A 20 0.75 15.43 -10.20
N SER A 21 1.13 16.14 -9.16
CA SER A 21 2.28 15.80 -8.40
C SER A 21 2.23 16.45 -7.03
N GLU A 22 2.94 15.85 -6.09
CA GLU A 22 3.11 16.43 -4.77
C GLU A 22 4.47 16.07 -4.21
N THR A 23 5.11 17.02 -3.58
CA THR A 23 6.45 16.84 -3.05
C THR A 23 6.38 16.95 -1.52
N ILE A 24 7.13 16.10 -0.84
CA ILE A 24 7.14 16.08 0.63
C ILE A 24 8.58 16.31 1.02
N PHE A 25 8.77 17.18 2.00
CA PHE A 25 10.08 17.55 2.45
C PHE A 25 10.17 17.36 3.96
N LYS A 26 11.40 17.31 4.45
CA LYS A 26 11.72 17.52 5.87
C LYS A 26 12.33 18.92 5.97
N GLU A 28 14.89 21.26 8.39
CA GLU A 28 15.80 21.68 9.46
C GLU A 28 15.78 23.19 9.55
N GLY A 29 14.87 23.74 10.35
CA GLY A 29 14.78 25.19 10.58
C GLY A 29 14.00 25.93 9.51
N THR A 30 14.71 26.47 8.52
CA THR A 30 14.10 27.11 7.32
C THR A 30 14.46 26.41 5.98
N LEU A 32 14.52 23.43 3.53
CA LEU A 32 13.78 22.24 3.14
C LEU A 32 14.70 21.24 2.49
N THR A 33 14.44 19.98 2.75
CA THR A 33 15.23 18.94 2.12
C THR A 33 14.26 17.90 1.58
N ASN A 34 14.46 17.57 0.32
CA ASN A 34 13.58 16.65 -0.39
C ASN A 34 13.49 15.31 0.30
N TYR A 35 12.28 14.73 0.32
CA TYR A 35 12.07 13.44 0.95
C TYR A 35 11.33 12.39 0.12
N LYS A 37 8.27 12.09 -3.36
CA LYS A 37 7.52 12.78 -4.44
C LYS A 37 6.50 11.83 -4.97
N HIS A 38 5.25 12.26 -5.03
CA HIS A 38 4.17 11.43 -5.54
C HIS A 38 3.80 11.97 -6.91
N ASN A 39 3.83 11.14 -7.93
CA ASN A 39 3.40 11.57 -9.28
C ASN A 39 2.13 10.81 -9.58
N TYR A 40 1.05 11.55 -9.85
CA TYR A 40 -0.29 11.02 -10.05
C TYR A 40 -0.75 11.09 -11.52
N LYS A 41 -1.53 10.10 -11.99
CA LYS A 41 -2.11 10.07 -13.34
C LYS A 41 -3.58 9.86 -13.18
N TYR A 42 -4.38 10.33 -14.12
CA TYR A 42 -5.86 10.23 -14.03
C TYR A 42 -6.39 9.67 -15.33
N ASP A 43 -7.59 9.11 -15.32
CA ASP A 43 -8.24 8.67 -16.57
C ASP A 43 -8.96 9.86 -17.21
N ALA A 44 -9.76 9.61 -18.25
CA ALA A 44 -10.56 10.66 -18.93
C ALA A 44 -11.68 11.19 -18.05
N ASN A 45 -12.38 10.28 -17.38
CA ASN A 45 -13.35 10.68 -16.34
C ASN A 45 -12.71 11.35 -15.13
N ASN A 46 -11.38 11.41 -15.07
CA ASN A 46 -10.61 12.23 -14.11
C ASN A 46 -10.47 11.69 -12.68
N GLN A 47 -10.54 10.36 -12.59
CA GLN A 47 -10.30 9.56 -11.41
C GLN A 47 -8.87 9.09 -11.46
N ARG A 48 -8.30 8.96 -10.25
CA ARG A 48 -6.90 8.73 -10.13
C ARG A 48 -6.56 7.31 -10.51
N THR A 49 -5.50 7.15 -11.28
CA THR A 49 -5.08 5.83 -11.79
C THR A 49 -3.76 5.33 -11.30
N GLU A 50 -2.80 6.21 -11.14
CA GLU A 50 -1.50 5.85 -10.57
C GLU A 50 -1.20 6.76 -9.40
N ASP A 51 -0.20 6.36 -8.65
CA ASP A 51 0.35 7.15 -7.58
C ASP A 51 1.75 6.62 -7.41
N GLU A 52 2.65 7.12 -8.21
CA GLU A 52 4.05 6.71 -8.17
C GLU A 52 4.74 7.43 -7.01
N ALA A 53 5.39 6.66 -6.15
CA ALA A 53 6.00 7.16 -4.90
C ALA A 53 7.50 7.08 -5.04
N GLN A 54 8.16 8.22 -5.23
CA GLN A 54 9.61 8.24 -5.39
C GLN A 54 10.24 8.75 -4.12
N LYS A 55 11.45 8.29 -3.86
CA LYS A 55 12.23 8.69 -2.70
C LYS A 55 13.44 9.51 -3.13
N TRP A 56 13.83 10.45 -2.28
CA TRP A 56 14.98 11.28 -2.59
C TRP A 56 16.24 10.57 -2.09
N ASN A 57 17.20 10.35 -2.98
CA ASN A 57 18.49 9.81 -2.58
C ASN A 57 19.50 10.95 -2.61
N SER A 58 19.66 11.59 -1.46
CA SER A 58 20.52 12.77 -1.31
C SER A 58 21.94 12.54 -1.80
N ASN A 59 22.49 11.37 -1.47
CA ASN A 59 23.88 11.04 -1.79
C ASN A 59 24.11 10.79 -3.27
N LYS A 60 23.08 10.37 -3.97
CA LYS A 60 23.11 10.30 -5.43
C LYS A 60 22.33 11.49 -5.98
N ASN A 61 21.80 12.32 -5.08
CA ASN A 61 21.12 13.54 -5.42
C ASN A 61 20.11 13.41 -6.58
N ARG A 62 19.15 12.52 -6.40
CA ARG A 62 18.16 12.25 -7.43
C ARG A 62 16.95 11.58 -6.85
N TRP A 63 15.87 11.61 -7.62
CA TRP A 63 14.61 10.92 -7.29
C TRP A 63 14.66 9.46 -7.74
N GLU A 64 14.54 8.51 -6.80
CA GLU A 64 14.62 7.06 -7.13
C GLU A 64 13.25 6.36 -7.04
N ASN A 65 12.92 5.62 -8.10
CA ASN A 65 11.65 4.89 -8.16
C ASN A 65 11.58 3.86 -7.05
N ASN A 66 10.43 3.73 -6.41
CA ASN A 66 10.31 2.81 -5.26
C ASN A 66 9.05 1.96 -5.37
N LEU A 67 7.92 2.60 -5.09
CA LEU A 67 6.61 1.99 -5.07
C LEU A 67 5.73 2.69 -6.06
N CYS A 68 4.67 2.00 -6.48
CA CYS A 68 3.68 2.54 -7.44
C CYS A 68 2.41 1.77 -7.23
N ILE A 69 1.33 2.50 -7.03
CA ILE A 69 0.00 1.96 -6.85
C ILE A 69 -0.84 2.31 -8.05
N ARG A 70 -1.70 1.38 -8.46
CA ARG A 70 -2.56 1.52 -9.65
C ARG A 70 -3.96 1.15 -9.28
N TYR A 71 -4.92 1.97 -9.68
CA TYR A 71 -6.30 1.83 -9.25
C TYR A 71 -7.14 1.52 -10.45
N THR A 72 -8.07 0.57 -10.29
CA THR A 72 -8.98 0.16 -11.35
C THR A 72 -10.38 0.22 -10.82
N TYR A 73 -11.28 0.76 -11.62
CA TYR A 73 -12.63 1.00 -11.20
C TYR A 73 -13.52 0.06 -12.00
N GLY A 74 -14.19 -0.83 -11.28
CA GLY A 74 -15.20 -1.75 -11.81
C GLY A 74 -16.50 -1.03 -11.53
N ASN A 75 -17.62 -1.68 -11.79
CA ASN A 75 -18.93 -1.01 -11.64
C ASN A 75 -19.45 -1.10 -10.22
N LYS A 76 -18.89 -2.03 -9.46
CA LYS A 76 -19.20 -2.17 -8.05
C LYS A 76 -17.97 -2.22 -7.16
N SER A 77 -16.79 -2.06 -7.75
CA SER A 77 -15.55 -2.46 -7.12
C SER A 77 -14.34 -1.67 -7.62
N THR A 79 -10.20 -1.89 -7.59
CA THR A 79 -9.06 -2.77 -7.35
C THR A 79 -7.75 -1.96 -7.32
N THR A 80 -6.96 -2.14 -6.27
CA THR A 80 -5.70 -1.43 -6.09
C THR A 80 -4.60 -2.45 -6.14
N GLU A 81 -3.60 -2.20 -6.97
CA GLU A 81 -2.49 -3.11 -7.12
C GLU A 81 -1.20 -2.39 -6.83
N TYR A 82 -0.24 -3.09 -6.21
CA TYR A 82 0.98 -2.47 -5.72
C TYR A 82 2.14 -3.03 -6.47
N TYR A 83 3.05 -2.16 -6.90
CA TYR A 83 4.20 -2.58 -7.69
C TYR A 83 5.44 -2.11 -7.00
N LYS A 84 6.51 -2.90 -7.07
CA LYS A 84 7.80 -2.44 -6.53
C LYS A 84 8.78 -2.34 -7.68
N TRP A 85 9.63 -1.31 -7.60
CA TRP A 85 10.65 -1.06 -8.62
C TRP A 85 11.81 -2.04 -8.45
N ASN A 86 12.30 -2.59 -9.55
CA ASN A 86 13.52 -3.37 -9.48
C ASN A 86 14.56 -2.76 -10.37
N SER A 87 15.70 -2.51 -9.75
CA SER A 87 16.82 -1.86 -10.39
C SER A 87 17.36 -2.64 -11.54
N LYS A 88 17.77 -3.88 -11.25
CA LYS A 88 18.42 -4.74 -12.27
C LYS A 88 17.53 -4.98 -13.47
N LYS A 89 16.21 -4.96 -13.29
CA LYS A 89 15.28 -5.10 -14.41
C LYS A 89 14.89 -3.74 -14.98
N LYS A 90 14.90 -2.71 -14.14
CA LYS A 90 14.47 -1.36 -14.51
C LYS A 90 12.98 -1.34 -14.84
N GLU A 91 12.20 -1.99 -13.98
CA GLU A 91 10.77 -2.15 -14.17
C GLU A 91 10.05 -2.10 -12.87
N TYR A 92 8.80 -1.65 -12.89
CA TYR A 92 7.92 -1.67 -11.72
C TYR A 92 7.27 -3.03 -11.77
N ILE A 93 7.63 -3.91 -10.85
CA ILE A 93 7.07 -5.27 -10.80
C ILE A 93 5.91 -5.41 -9.82
N LEU A 94 4.79 -5.99 -10.29
CA LEU A 94 3.61 -6.27 -9.46
C LEU A 94 3.81 -7.20 -8.27
N VAL A 95 3.19 -6.87 -7.14
CA VAL A 95 3.22 -7.69 -5.93
C VAL A 95 1.76 -8.11 -5.72
N PRO A 96 1.30 -9.15 -6.46
CA PRO A 96 -0.10 -9.65 -6.49
C PRO A 96 -0.59 -10.13 -5.17
N GLU A 97 0.37 -10.41 -4.32
CA GLU A 97 0.17 -10.85 -2.98
C GLU A 97 -0.60 -9.76 -2.25
N THR A 99 -2.56 -7.20 -3.68
CA THR A 99 -3.72 -6.65 -4.37
C THR A 99 -4.96 -6.67 -3.49
N VAL A 100 -5.79 -5.63 -3.60
CA VAL A 100 -7.03 -5.51 -2.84
C VAL A 100 -8.20 -5.13 -3.76
N THR A 101 -9.36 -5.66 -3.44
CA THR A 101 -10.56 -5.41 -4.18
C THR A 101 -11.65 -5.18 -3.17
N ASP A 103 -15.56 -2.72 -2.41
CA ASP A 103 -16.76 -2.21 -3.10
C ASP A 103 -16.88 -0.69 -3.21
N ASP B 6 -2.50 -17.05 -9.75
CA ASP B 6 -1.71 -17.54 -10.93
C ASP B 6 -0.56 -18.46 -10.49
N ASN B 7 0.50 -17.87 -9.94
CA ASN B 7 1.59 -18.61 -9.33
C ASN B 7 1.47 -18.72 -7.80
N LEU B 8 0.33 -18.30 -7.25
CA LEU B 8 0.09 -18.35 -5.82
C LEU B 8 -1.24 -19.00 -5.63
N ILE B 9 -1.41 -19.58 -4.44
CA ILE B 9 -2.60 -20.31 -4.11
C ILE B 9 -3.28 -19.76 -2.85
N TYR B 10 -4.60 -19.62 -2.92
CA TYR B 10 -5.36 -18.90 -1.93
C TYR B 10 -6.34 -19.78 -1.15
N ASN B 11 -6.41 -19.60 0.17
CA ASN B 11 -7.46 -20.17 0.99
C ASN B 11 -7.99 -19.16 2.01
N ALA B 12 -9.30 -18.98 2.00
CA ALA B 12 -9.98 -17.99 2.80
C ALA B 12 -10.69 -18.63 3.97
N GLU B 13 -10.68 -17.93 5.11
CA GLU B 13 -11.45 -18.28 6.29
C GLU B 13 -12.62 -17.32 6.38
N GLU B 14 -13.80 -17.89 6.45
CA GLU B 14 -15.08 -17.19 6.45
C GLU B 14 -15.67 -17.27 7.85
N VAL B 15 -16.31 -16.17 8.31
CA VAL B 15 -17.16 -16.21 9.53
C VAL B 15 -18.44 -15.39 9.27
N ASN B 16 -19.57 -16.08 9.29
CA ASN B 16 -20.89 -15.49 9.07
C ASN B 16 -20.99 -14.58 7.82
N GLY B 17 -20.29 -14.94 6.73
CA GLY B 17 -20.34 -14.20 5.47
C GLY B 17 -19.18 -13.30 5.09
N VAL B 18 -18.28 -12.99 6.03
CA VAL B 18 -17.10 -12.17 5.74
C VAL B 18 -15.82 -12.92 6.04
N VAL B 19 -14.90 -12.83 5.07
CA VAL B 19 -13.54 -13.36 5.20
C VAL B 19 -12.72 -12.64 6.26
N VAL B 20 -12.43 -13.35 7.34
CA VAL B 20 -11.72 -12.81 8.51
C VAL B 20 -10.25 -12.96 8.29
N SER B 21 -9.89 -13.86 7.37
CA SER B 21 -8.53 -14.14 7.10
C SER B 21 -8.37 -14.85 5.76
N GLU B 22 -7.19 -14.72 5.18
CA GLU B 22 -6.85 -15.41 3.96
C GLU B 22 -5.39 -15.76 3.93
N THR B 23 -5.07 -16.94 3.44
CA THR B 23 -3.71 -17.45 3.48
C THR B 23 -3.25 -17.70 2.06
N ILE B 24 -1.99 -17.36 1.80
CA ILE B 24 -1.41 -17.46 0.47
C ILE B 24 -0.22 -18.38 0.59
N PHE B 25 -0.12 -19.30 -0.38
CA PHE B 25 0.93 -20.29 -0.37
C PHE B 25 1.64 -20.29 -1.69
N LYS B 26 2.82 -20.87 -1.69
CA LYS B 26 3.50 -21.27 -2.90
C LYS B 26 3.38 -22.79 -2.95
N GLU B 28 5.30 -26.11 -4.51
CA GLU B 28 6.27 -26.93 -5.20
C GLU B 28 5.63 -28.26 -5.51
N GLY B 29 5.02 -28.35 -6.69
CA GLY B 29 4.46 -29.60 -7.17
C GLY B 29 3.09 -29.83 -6.59
N THR B 30 3.01 -30.61 -5.53
CA THR B 30 1.74 -30.82 -4.80
C THR B 30 1.77 -30.30 -3.35
N LEU B 32 2.14 -27.63 -0.52
CA LEU B 32 1.95 -26.21 -0.27
C LEU B 32 2.89 -25.75 0.79
N THR B 33 3.36 -24.52 0.65
CA THR B 33 4.24 -23.94 1.63
C THR B 33 3.76 -22.51 1.91
N ASN B 34 3.65 -22.20 3.20
CA ASN B 34 3.10 -20.93 3.66
C ASN B 34 3.87 -19.75 3.16
N TYR B 35 3.17 -18.70 2.76
CA TYR B 35 3.83 -17.52 2.25
C TYR B 35 3.40 -16.23 2.90
N LYS B 37 -0.21 -14.15 4.94
CA LYS B 37 -1.52 -14.27 5.59
C LYS B 37 -2.06 -12.90 5.80
N HIS B 38 -3.29 -12.68 5.35
CA HIS B 38 -3.96 -11.40 5.54
C HIS B 38 -5.00 -11.58 6.61
N ASN B 39 -4.95 -10.78 7.66
CA ASN B 39 -6.00 -10.83 8.71
C ASN B 39 -6.81 -9.57 8.60
N TYR B 40 -8.12 -9.70 8.41
CA TYR B 40 -9.03 -8.57 8.17
C TYR B 40 -9.99 -8.27 9.32
N LYS B 41 -10.32 -6.99 9.52
CA LYS B 41 -11.33 -6.54 10.50
C LYS B 41 -12.33 -5.67 9.76
N TYR B 42 -13.58 -5.64 10.23
CA TYR B 42 -14.65 -4.88 9.59
C TYR B 42 -15.37 -4.04 10.63
N ASP B 43 -16.06 -3.00 10.19
CA ASP B 43 -16.91 -2.22 11.11
C ASP B 43 -18.30 -2.87 11.21
N ALA B 44 -19.24 -2.24 11.91
CA ALA B 44 -20.61 -2.76 12.06
C ALA B 44 -21.35 -2.73 10.73
N ASN B 45 -21.23 -1.61 10.01
CA ASN B 45 -21.72 -1.49 8.63
C ASN B 45 -21.02 -2.46 7.68
N ASN B 46 -19.98 -3.14 8.17
CA ASN B 46 -19.34 -4.29 7.53
C ASN B 46 -18.41 -3.92 6.36
N GLN B 47 -17.89 -2.71 6.40
CA GLN B 47 -16.86 -2.27 5.48
C GLN B 47 -15.52 -2.53 6.13
N ARG B 48 -14.55 -2.88 5.30
CA ARG B 48 -13.26 -3.38 5.79
C ARG B 48 -12.48 -2.27 6.44
N THR B 49 -11.85 -2.58 7.58
CA THR B 49 -11.10 -1.60 8.37
C THR B 49 -9.61 -1.83 8.45
N GLU B 50 -9.20 -3.08 8.60
CA GLU B 50 -7.76 -3.43 8.61
C GLU B 50 -7.50 -4.47 7.54
N ASP B 51 -6.22 -4.65 7.24
CA ASP B 51 -5.74 -5.72 6.37
C ASP B 51 -4.29 -5.93 6.78
N GLU B 52 -4.11 -6.74 7.81
CA GLU B 52 -2.78 -7.03 8.34
C GLU B 52 -2.14 -8.07 7.46
N ALA B 53 -0.94 -7.77 6.97
CA ALA B 53 -0.20 -8.60 6.02
C ALA B 53 0.99 -9.22 6.75
N GLN B 54 0.92 -10.52 7.03
CA GLN B 54 2.00 -11.24 7.71
C GLN B 54 2.73 -12.11 6.74
N LYS B 55 4.01 -12.30 6.98
CA LYS B 55 4.87 -13.11 6.11
C LYS B 55 5.38 -14.34 6.85
N TRP B 56 5.50 -15.46 6.13
CA TRP B 56 5.91 -16.72 6.75
C TRP B 56 7.42 -16.80 6.84
N ASN B 57 7.95 -16.96 8.05
CA ASN B 57 9.39 -17.14 8.22
C ASN B 57 9.62 -18.62 8.47
N SER B 58 9.92 -19.34 7.40
CA SER B 58 10.12 -20.79 7.43
C SER B 58 11.18 -21.24 8.42
N ASN B 59 12.29 -20.52 8.46
CA ASN B 59 13.43 -20.90 9.31
C ASN B 59 13.22 -20.61 10.79
N LYS B 60 12.28 -19.71 11.11
CA LYS B 60 11.76 -19.57 12.47
C LYS B 60 10.36 -20.19 12.55
N ASN B 61 9.89 -20.72 11.42
CA ASN B 61 8.64 -21.43 11.32
C ASN B 61 7.45 -20.73 12.02
N ARG B 62 7.17 -19.51 11.62
CA ARG B 62 6.13 -18.71 12.26
C ARG B 62 5.71 -17.55 11.38
N TRP B 63 4.54 -16.98 11.70
CA TRP B 63 3.98 -15.80 11.01
C TRP B 63 4.55 -14.52 11.64
N GLU B 64 5.28 -13.72 10.86
CA GLU B 64 5.91 -12.49 11.35
C GLU B 64 5.20 -11.24 10.84
N ASN B 65 4.89 -10.34 11.75
CA ASN B 65 4.20 -9.08 11.40
C ASN B 65 5.05 -8.25 10.46
N ASN B 66 4.44 -7.63 9.46
CA ASN B 66 5.20 -6.88 8.46
C ASN B 66 4.53 -5.55 8.15
N LEU B 67 3.46 -5.61 7.36
CA LEU B 67 2.71 -4.45 6.90
C LEU B 67 1.29 -4.56 7.40
N CYS B 68 0.62 -3.42 7.44
CA CYS B 68 -0.74 -3.35 7.89
C CYS B 68 -1.34 -2.11 7.29
N ILE B 69 -2.53 -2.25 6.69
CA ILE B 69 -3.28 -1.15 6.12
C ILE B 69 -4.54 -0.93 6.93
N ARG B 70 -4.93 0.35 7.10
CA ARG B 70 -6.11 0.72 7.87
C ARG B 70 -6.95 1.68 7.07
N TYR B 71 -8.26 1.44 7.04
CA TYR B 71 -9.18 2.20 6.23
C TYR B 71 -10.09 2.98 7.16
N THR B 72 -10.33 4.25 6.81
CA THR B 72 -11.20 5.12 7.58
C THR B 72 -12.21 5.73 6.63
N TYR B 73 -13.45 5.73 7.07
CA TYR B 73 -14.57 6.15 6.23
C TYR B 73 -15.24 7.38 6.83
N GLY B 74 -15.40 8.43 6.02
CA GLY B 74 -16.18 9.60 6.40
C GLY B 74 -17.22 9.96 5.38
N ASN B 75 -18.07 10.92 5.75
CA ASN B 75 -19.12 11.40 4.85
C ASN B 75 -18.45 12.00 3.63
N LYS B 76 -17.30 12.64 3.87
CA LYS B 76 -16.43 13.12 2.81
C LYS B 76 -15.79 12.01 1.96
N SER B 77 -14.94 11.20 2.59
CA SER B 77 -13.98 10.36 1.89
C SER B 77 -13.55 9.10 2.64
N THR B 79 -10.03 7.23 3.82
CA THR B 79 -8.61 7.40 4.03
C THR B 79 -7.93 6.07 4.34
N THR B 80 -6.85 5.77 3.62
CA THR B 80 -6.11 4.52 3.82
C THR B 80 -4.73 4.88 4.36
N GLU B 81 -4.31 4.23 5.43
CA GLU B 81 -3.02 4.50 6.04
C GLU B 81 -2.21 3.23 6.15
N TYR B 82 -0.91 3.33 5.92
CA TYR B 82 -0.01 2.17 5.82
C TYR B 82 0.94 2.17 7.00
N TYR B 83 1.09 1.02 7.67
CA TYR B 83 1.91 0.91 8.87
C TYR B 83 2.96 -0.14 8.66
N LYS B 84 4.16 0.06 9.21
CA LYS B 84 5.18 -0.98 9.19
C LYS B 84 5.47 -1.43 10.63
N TRP B 85 5.67 -2.74 10.81
CA TRP B 85 5.97 -3.33 12.13
C TRP B 85 7.38 -2.98 12.54
N ASN B 86 7.60 -2.71 13.82
CA ASN B 86 8.97 -2.62 14.22
C ASN B 86 9.46 -3.59 15.28
N SER B 87 10.53 -4.27 14.90
CA SER B 87 11.07 -5.39 15.65
C SER B 87 11.54 -5.00 17.05
N LYS B 88 12.45 -4.03 17.12
CA LYS B 88 12.94 -3.54 18.41
C LYS B 88 11.78 -3.11 19.29
N LYS B 89 10.82 -2.38 18.70
CA LYS B 89 9.67 -1.81 19.45
C LYS B 89 8.45 -2.63 19.84
N LYS B 90 8.01 -3.52 18.95
CA LYS B 90 6.76 -4.30 19.07
C LYS B 90 5.49 -3.47 18.84
N GLU B 91 5.57 -2.60 17.82
CA GLU B 91 4.45 -1.77 17.40
C GLU B 91 4.41 -1.66 15.89
N TYR B 92 3.20 -1.49 15.35
CA TYR B 92 2.95 -1.17 13.93
C TYR B 92 3.03 0.35 13.84
N ILE B 93 4.11 0.86 13.23
CA ILE B 93 4.36 2.29 13.13
C ILE B 93 3.92 2.87 11.79
N LEU B 94 3.12 3.94 11.85
CA LEU B 94 2.59 4.65 10.65
C LEU B 94 3.65 5.23 9.72
N VAL B 95 3.38 5.12 8.42
CA VAL B 95 4.19 5.72 7.37
C VAL B 95 3.27 6.76 6.72
N PRO B 96 3.18 7.99 7.30
CA PRO B 96 2.26 9.09 6.90
C PRO B 96 2.57 9.66 5.52
N GLU B 97 3.77 9.35 5.07
CA GLU B 97 4.31 9.71 3.78
C GLU B 97 3.50 9.08 2.67
N THR B 99 0.06 7.93 3.13
CA THR B 99 -1.38 8.03 3.33
C THR B 99 -2.08 8.54 2.09
N VAL B 100 -3.27 8.00 1.82
CA VAL B 100 -4.10 8.39 0.68
C VAL B 100 -5.53 8.71 1.11
N THR B 101 -6.13 9.68 0.45
CA THR B 101 -7.48 10.09 0.72
C THR B 101 -8.16 10.28 -0.61
N ASP B 103 -12.36 10.02 -2.28
CA ASP B 103 -13.77 9.95 -1.86
C ASP B 103 -14.47 8.72 -2.46
#